data_8ZNI
#
_entry.id   8ZNI
#
_cell.length_a   1.00
_cell.length_b   1.00
_cell.length_c   1.00
_cell.angle_alpha   90.00
_cell.angle_beta   90.00
_cell.angle_gamma   90.00
#
_symmetry.space_group_name_H-M   'P 1'
#
loop_
_entity.id
_entity.type
_entity.pdbx_description
1 polymer 'Complement receptor type 2'
2 polymer BLLF1
3 non-polymer 2-acetamido-2-deoxy-beta-D-glucopyranose
#
loop_
_entity_poly.entity_id
_entity_poly.type
_entity_poly.pdbx_seq_one_letter_code
_entity_poly.pdbx_strand_id
1 'polypeptide(L)'
;MGAAGLLGVFLALVAPGVLGISCGSPPPILNGRISYYSTPIAVGTVIRYSCSGTFRLIGEKSLLCITKDKVDGTWDKPAP
KCEYFNKYSSCPEPIVPGGYKIRGSTPYRHGDSVTFACKTNFSMNGNKSVWCQANNMWGPTRLPTCVSVFPLECPALPMI
HNGHHTSENVGSIAPGLSVTYSCESGYLLVGEKIINCLSSGKWSAVPPTCEEARCKSLGRFPNGKVKEPPILRVGVTANF
FCDEGYRLQGPPSSRCVIAGQGVAWTKMPVCEEIFCPSPPPILNGRHIGNSLANVSYGSIVTYTCDPDPEEGVNFILIGE
STLRCTVDSQKTGTWSGPAPRCELSTSAVQCPHPQILRGRMVSGQKDRYTYNDTVIFACMFGFTLKGSKQIRCNAQGTWE
PSAPVCEKECQAPPNILNGQKEDRHMVRFDPGTSIKYSCNPGYVLVGEESIQCTSEGVWTPPVPQCKVAACEATGRQLLT
KPQHQFVRPDVNSSCGEGYKLSGSVYQECQGTIPWFMEIRLCKEITCPPPPVIYNGAHTGSSLEDFPYGTTVTYTCNPGP
ERGVEFSLIGESTIRCTSNDQERGTWSGPAPLCKLSLLAVQCSHVHIANGYKISGKEAPYFYNDTVTFKCYSGFTLKGSS
QIRCKADNTWDPEIPVCEKETCQHVRQSLQELPAGSRVELVNTSCQDGYQLTGHAYQMCQDAENGIWFKKIPLCKVIHCH
PPPVIVNGKHTGMMAENFLYGNEVSYECDQGFYLLGEKKLQCRSDSKGHGSWSGPSPQCLRSPPVTRCPNPEVKHGYKLN
KTHSAYSHNDIVYVDCNPGFIMNGSRVIRCHTDNTWVPGVPTCIKKAFIGCPPPPKTPNGNHTGGNIARFSPGMSILYSC
DQGYLLVGEALLLCTHEGTWSQPAPHCKEVNCSSPADMDGIQKGLEPRKMYQYGAVVTLECEDGYMLEGSPQSQCQSDHQ
WNPPLAVCRSRHHHHHH
;
A
2 'polypeptide(L)'
;MDAMKRGLCCVLLLCGAVFVSPSQEIHARFRRGARGSHHHHHHHHHHEAALLVCQYTIQSLIHLTGEDPGFFNVEIPEFP
FYPTCNVCTADVNVTINFDVGGKKHQLDLDFGQLTPHTKAVYQPRGAFGGSENATNLFLLELLGAGELALTMRSKKLPIN
VTTGEEQQVSLESVDVYFQDVFGTMWCHHAEMQNPVYLIPETVPYIKWDNCNSTNITAVVRAQGLDVTLPLSLPTSAQDS
NFSVKTQMLGNEIDIECIMEDGEISQVLPGDNKFNITCSGYESHVPSGGILTSTSPVATPIPGTGYAYSLRLTPRPVSRF
LGNNSILYVFYSGNGPKASGGDYCIQSNIVFSDEIPASQDMPTNTTDITYVGDNATYSVPMVTSEDANSPNVTVTAFWAW
PNNTETDFKCKWTLTSGTPSGCENISGAFASNRTFDITVSGLGTAPKTLIITRTATNATTTTHKVIFSKAPESTTTSPTL
NTTGFADPNTTTGLPSSTHVPTNLTAPASTGPTVSTADVTSPTPAGTTSGASPVTPSPSPRDNGTESKAPDMTSPTSAVT
TPTPNGTSPTPAMTTPTPNATSPTLGKTSPTSAVTTPTPNATSPTPAVTTPTPNATSPTVGETSPQANATNHTLGGTSPT
PVVTSPPKNATSDVTTGQHNRTSSSTSSMSLRPSSIPETTSHMPLLTSAHPTGGENITQVTPASISTHHVSTSSPAPRPG
TTSQASGPGNSSTSTKPGEVNVTKGTPPKNATSPQAPSGQKTAVPTVTSTGGKANSTTGGKHTTGHGARTSTEPTTDYGD
DSTTPRPRYNATTYLPPSTSSKLRPRWTFTSPPVTTAQATVPVPPTSQPRFSNLHHHHHHHHHH
;
B
#
loop_
_chem_comp.id
_chem_comp.type
_chem_comp.name
_chem_comp.formula
NAG D-saccharide, beta linking 2-acetamido-2-deoxy-beta-D-glucopyranose 'C8 H15 N O6'
#
# COMPACT_ATOMS: atom_id res chain seq x y z
N CYS A 23 36.59 12.12 -3.18
CA CYS A 23 36.95 12.71 -4.46
C CYS A 23 37.13 14.21 -4.34
N GLY A 24 37.37 14.68 -3.11
CA GLY A 24 37.54 16.10 -2.88
C GLY A 24 36.30 16.77 -2.31
N SER A 25 35.58 17.52 -3.14
CA SER A 25 34.38 18.20 -2.72
C SER A 25 33.25 17.92 -3.71
N PRO A 26 32.03 17.73 -3.21
CA PRO A 26 30.91 17.47 -4.12
C PRO A 26 30.55 18.73 -4.89
N PRO A 27 30.02 18.60 -6.10
CA PRO A 27 29.57 19.76 -6.86
C PRO A 27 28.22 20.24 -6.36
N PRO A 28 28.12 21.51 -5.93
CA PRO A 28 26.86 22.01 -5.39
C PRO A 28 25.81 22.20 -6.48
N ILE A 29 24.55 22.22 -6.04
CA ILE A 29 23.42 22.45 -6.93
C ILE A 29 22.65 23.67 -6.43
N LEU A 30 21.58 24.03 -7.13
CA LEU A 30 20.82 25.25 -6.84
C LEU A 30 19.81 24.98 -5.74
N ASN A 31 20.09 25.49 -4.54
CA ASN A 31 19.19 25.45 -3.39
C ASN A 31 18.80 24.02 -3.01
N GLY A 32 19.61 23.04 -3.37
CA GLY A 32 19.32 21.64 -3.11
C GLY A 32 19.97 21.14 -1.84
N ARG A 33 20.24 19.83 -1.82
CA ARG A 33 20.85 19.18 -0.68
C ARG A 33 22.07 18.37 -1.11
N ILE A 34 23.02 18.24 -0.20
CA ILE A 34 24.26 17.51 -0.46
C ILE A 34 24.36 16.23 0.34
N SER A 35 23.51 16.04 1.35
CA SER A 35 23.46 14.85 2.19
C SER A 35 24.69 14.72 3.08
N TYR A 36 25.15 13.49 3.30
CA TYR A 36 26.19 13.20 4.28
C TYR A 36 27.41 12.60 3.59
N TYR A 37 28.59 13.16 3.90
CA TYR A 37 29.85 12.58 3.44
C TYR A 37 30.93 12.64 4.50
N SER A 38 30.59 13.07 5.73
CA SER A 38 31.57 13.26 6.81
C SER A 38 32.60 14.28 6.33
N THR A 39 33.85 14.12 6.74
CA THR A 39 34.96 14.94 6.25
C THR A 39 36.06 13.99 5.79
N PRO A 40 35.96 13.47 4.57
CA PRO A 40 36.93 12.49 4.09
C PRO A 40 38.08 13.13 3.32
N ILE A 41 39.21 12.43 3.35
CA ILE A 41 40.38 12.84 2.55
C ILE A 41 40.21 12.13 1.21
N ALA A 42 39.40 12.73 0.34
CA ALA A 42 39.10 12.20 -0.99
C ALA A 42 38.60 10.75 -0.90
N VAL A 43 37.58 10.54 -0.08
CA VAL A 43 36.94 9.22 0.01
C VAL A 43 35.49 9.32 -0.40
N GLY A 44 34.69 10.06 0.38
CA GLY A 44 33.31 10.39 0.05
C GLY A 44 32.50 9.28 -0.60
N THR A 45 32.28 8.18 0.13
CA THR A 45 31.78 6.96 -0.50
C THR A 45 30.40 7.16 -1.12
N VAL A 46 29.44 7.67 -0.35
CA VAL A 46 28.07 7.87 -0.84
C VAL A 46 27.57 9.26 -0.44
N ILE A 47 26.97 9.96 -1.40
CA ILE A 47 26.19 11.16 -1.12
C ILE A 47 24.94 11.10 -1.99
N ARG A 48 23.93 11.88 -1.60
CA ARG A 48 22.68 11.95 -2.33
C ARG A 48 22.28 13.41 -2.53
N TYR A 49 21.68 13.70 -3.67
CA TYR A 49 21.19 15.03 -4.00
C TYR A 49 19.67 15.00 -4.06
N SER A 50 19.03 15.91 -3.33
CA SER A 50 17.58 15.99 -3.28
C SER A 50 17.10 17.26 -3.96
N CYS A 51 15.77 17.34 -4.13
CA CYS A 51 15.17 18.50 -4.75
C CYS A 51 15.29 19.72 -3.84
N SER A 52 15.03 20.89 -4.41
CA SER A 52 15.01 22.13 -3.65
C SER A 52 13.65 22.42 -3.02
N GLY A 53 12.76 21.45 -3.02
CA GLY A 53 11.43 21.64 -2.47
C GLY A 53 10.42 22.04 -3.52
N THR A 54 10.11 23.34 -3.60
CA THR A 54 9.16 23.81 -4.60
C THR A 54 9.65 23.58 -6.02
N PHE A 55 10.95 23.39 -6.21
CA PHE A 55 11.53 23.08 -7.51
C PHE A 55 11.93 21.61 -7.53
N ARG A 56 11.37 20.86 -8.47
CA ARG A 56 11.67 19.44 -8.54
C ARG A 56 13.07 19.21 -9.13
N LEU A 57 13.71 18.14 -8.69
CA LEU A 57 15.05 17.81 -9.14
C LEU A 57 14.98 17.17 -10.53
N ILE A 58 15.62 17.81 -11.51
CA ILE A 58 15.70 17.27 -12.86
C ILE A 58 17.11 16.78 -13.11
N GLY A 59 17.33 15.48 -12.86
CA GLY A 59 18.66 14.87 -13.06
C GLY A 59 18.86 13.71 -12.09
N GLU A 60 19.79 12.81 -12.42
CA GLU A 60 20.08 11.65 -11.54
C GLU A 60 20.48 12.14 -10.15
N LYS A 61 19.95 11.55 -9.07
CA LYS A 61 20.19 12.09 -7.71
C LYS A 61 21.40 11.41 -7.03
N SER A 62 21.65 10.13 -7.35
CA SER A 62 22.74 9.37 -6.68
C SER A 62 24.08 10.08 -6.85
N LEU A 63 25.09 9.72 -6.04
CA LEU A 63 26.45 10.32 -6.18
C LEU A 63 27.45 9.48 -5.37
N LEU A 64 28.38 8.81 -6.06
CA LEU A 64 29.40 7.97 -5.37
C LEU A 64 30.77 8.35 -5.94
N CYS A 65 31.79 8.46 -5.08
CA CYS A 65 33.13 8.93 -5.55
C CYS A 65 33.91 7.77 -6.17
N ILE A 66 34.00 7.71 -7.50
CA ILE A 66 34.78 6.68 -8.15
C ILE A 66 36.26 6.89 -7.85
N THR A 67 37.00 5.79 -7.76
CA THR A 67 38.42 5.83 -7.41
C THR A 67 39.25 5.64 -8.67
N LYS A 68 40.07 6.65 -8.98
CA LYS A 68 40.99 6.56 -10.11
C LYS A 68 42.26 5.84 -9.65
N ASP A 69 43.33 5.94 -10.45
CA ASP A 69 44.60 5.34 -10.07
C ASP A 69 45.10 5.90 -8.75
N LYS A 70 44.87 7.19 -8.50
CA LYS A 70 45.19 7.82 -7.24
C LYS A 70 43.96 7.83 -6.32
N VAL A 71 44.19 8.17 -5.06
CA VAL A 71 43.09 8.26 -4.10
C VAL A 71 42.11 9.34 -4.52
N ASP A 72 42.64 10.51 -4.89
CA ASP A 72 41.79 11.60 -5.35
C ASP A 72 41.17 11.26 -6.70
N GLY A 73 39.90 11.61 -6.85
CA GLY A 73 39.19 11.36 -8.09
C GLY A 73 38.06 12.33 -8.34
N THR A 74 37.09 11.93 -9.15
CA THR A 74 35.94 12.76 -9.45
C THR A 74 34.66 11.97 -9.16
N TRP A 75 33.58 12.72 -8.92
CA TRP A 75 32.30 12.08 -8.62
C TRP A 75 31.73 11.42 -9.87
N ASP A 76 30.89 10.40 -9.64
CA ASP A 76 30.42 9.56 -10.74
C ASP A 76 29.59 10.35 -11.75
N LYS A 77 28.70 11.21 -11.28
CA LYS A 77 27.79 11.91 -12.16
C LYS A 77 27.82 13.41 -11.89
N PRO A 78 27.54 14.21 -12.92
CA PRO A 78 27.49 15.66 -12.71
C PRO A 78 26.33 16.05 -11.80
N ALA A 79 26.47 17.22 -11.19
CA ALA A 79 25.45 17.70 -10.26
C ALA A 79 24.17 18.01 -11.01
N PRO A 80 23.05 17.38 -10.65
CA PRO A 80 21.79 17.66 -11.35
C PRO A 80 21.27 19.06 -11.05
N LYS A 81 20.55 19.62 -12.01
CA LYS A 81 19.94 20.93 -11.84
C LYS A 81 18.69 20.82 -10.97
N CYS A 82 18.47 21.84 -10.14
CA CYS A 82 17.33 21.88 -9.22
C CYS A 82 16.58 23.19 -9.46
N GLU A 83 15.63 23.15 -10.40
CA GLU A 83 14.82 24.32 -10.73
C GLU A 83 13.45 23.85 -11.18
N TYR A 84 12.61 24.80 -11.55
CA TYR A 84 11.26 24.47 -12.00
C TYR A 84 11.32 23.73 -13.33
N PHE A 85 10.22 23.04 -13.64
CA PHE A 85 10.07 22.31 -14.90
C PHE A 85 8.67 22.57 -15.44
N ASN A 86 8.53 23.62 -16.24
CA ASN A 86 7.27 23.99 -16.88
C ASN A 86 6.14 24.15 -15.87
N LYS A 87 6.47 24.73 -14.72
CA LYS A 87 5.49 24.98 -13.65
C LYS A 87 4.75 23.70 -13.28
N TYR A 88 3.56 23.51 -13.83
CA TYR A 88 2.81 22.27 -13.65
C TYR A 88 2.40 21.64 -14.98
N SER A 89 2.89 22.16 -16.09
CA SER A 89 2.53 21.64 -17.40
C SER A 89 3.17 20.28 -17.64
N SER A 90 2.64 19.57 -18.62
CA SER A 90 3.09 18.23 -18.95
C SER A 90 4.15 18.27 -20.05
N CYS A 91 4.68 17.09 -20.40
CA CYS A 91 5.74 17.01 -21.44
C CYS A 91 5.55 15.72 -22.25
N PRO A 92 6.04 15.66 -23.51
CA PRO A 92 5.88 14.48 -24.37
C PRO A 92 6.39 13.20 -23.69
N GLU A 93 5.77 12.05 -23.98
CA GLU A 93 6.24 10.76 -23.43
C GLU A 93 7.57 10.39 -24.11
N PRO A 94 8.67 10.22 -23.36
CA PRO A 94 9.96 9.84 -23.95
C PRO A 94 10.08 8.32 -24.11
N ILE A 95 10.26 7.85 -25.34
CA ILE A 95 10.34 6.43 -25.63
C ILE A 95 11.48 6.16 -26.58
N VAL A 96 11.92 4.90 -26.60
CA VAL A 96 12.96 4.42 -27.49
C VAL A 96 12.74 2.92 -27.65
N PRO A 97 12.92 2.35 -28.85
CA PRO A 97 12.63 0.92 -29.04
C PRO A 97 13.33 0.01 -28.05
N GLY A 98 14.48 0.43 -27.51
CA GLY A 98 15.12 -0.33 -26.45
C GLY A 98 14.88 0.31 -25.09
N GLY A 99 13.66 0.80 -24.86
CA GLY A 99 13.36 1.48 -23.61
C GLY A 99 12.02 1.13 -23.01
N TYR A 100 12.01 0.71 -21.75
CA TYR A 100 10.78 0.45 -21.02
C TYR A 100 10.26 1.76 -20.44
N LYS A 101 9.29 1.67 -19.53
CA LYS A 101 8.71 2.83 -18.88
C LYS A 101 8.61 2.59 -17.38
N ILE A 102 9.72 2.11 -16.78
CA ILE A 102 9.73 1.87 -15.34
C ILE A 102 9.57 3.20 -14.61
N ARG A 103 8.65 3.22 -13.64
CA ARG A 103 8.30 4.43 -12.89
C ARG A 103 7.75 5.53 -13.78
N GLY A 104 7.21 5.18 -14.94
CA GLY A 104 6.67 6.15 -15.87
C GLY A 104 5.24 5.81 -16.25
N SER A 105 4.47 6.87 -16.53
CA SER A 105 3.06 6.70 -16.88
C SER A 105 2.65 7.85 -17.79
N THR A 106 1.41 7.77 -18.28
CA THR A 106 0.89 8.82 -19.14
C THR A 106 0.82 10.18 -18.46
N PRO A 107 0.27 10.33 -17.25
CA PRO A 107 0.25 11.66 -16.63
C PRO A 107 1.65 12.11 -16.24
N TYR A 108 1.84 13.43 -16.24
CA TYR A 108 3.11 14.03 -15.86
C TYR A 108 2.83 15.31 -15.08
N ARG A 109 3.82 15.71 -14.27
CA ARG A 109 3.72 16.96 -13.52
C ARG A 109 5.12 17.42 -13.16
N HIS A 110 5.43 18.68 -13.51
CA HIS A 110 6.67 19.33 -13.16
C HIS A 110 7.89 18.53 -13.61
N GLY A 111 8.63 17.97 -12.66
CA GLY A 111 9.88 17.30 -12.98
C GLY A 111 9.88 15.79 -12.77
N ASP A 112 8.75 15.14 -13.05
CA ASP A 112 8.69 13.69 -12.96
C ASP A 112 9.55 13.05 -14.05
N SER A 113 10.05 11.86 -13.74
CA SER A 113 10.99 11.16 -14.63
C SER A 113 10.48 9.76 -14.92
N VAL A 114 11.25 9.04 -15.74
CA VAL A 114 10.98 7.66 -16.08
C VAL A 114 12.29 6.88 -15.95
N THR A 115 12.23 5.59 -16.29
CA THR A 115 13.40 4.73 -16.30
C THR A 115 13.33 3.83 -17.51
N PHE A 116 14.48 3.55 -18.11
CA PHE A 116 14.56 2.79 -19.34
C PHE A 116 15.28 1.47 -19.10
N ALA A 117 15.03 0.53 -20.00
CA ALA A 117 15.68 -0.79 -20.00
C ALA A 117 15.30 -1.48 -21.29
N CYS A 118 15.98 -2.60 -21.58
CA CYS A 118 15.69 -3.34 -22.80
C CYS A 118 16.07 -4.80 -22.59
N LYS A 119 15.45 -5.66 -23.39
CA LYS A 119 15.78 -7.08 -23.38
C LYS A 119 16.97 -7.40 -24.28
N THR A 120 17.47 -6.42 -25.02
CA THR A 120 18.61 -6.63 -25.91
C THR A 120 19.48 -5.37 -25.99
N GLY A 126 22.49 1.58 -23.61
CA GLY A 126 22.38 3.00 -23.40
C GLY A 126 22.03 3.37 -21.98
N ASN A 127 21.71 4.65 -21.76
CA ASN A 127 21.36 5.11 -20.43
C ASN A 127 20.00 4.57 -20.01
N LYS A 128 19.62 4.86 -18.76
CA LYS A 128 18.37 4.36 -18.19
C LYS A 128 17.66 5.43 -17.39
N SER A 129 17.62 6.66 -17.90
CA SER A 129 16.95 7.73 -17.17
C SER A 129 16.71 8.91 -18.10
N VAL A 130 15.60 9.62 -17.86
CA VAL A 130 15.31 10.90 -18.51
C VAL A 130 14.21 11.57 -17.72
N TRP A 131 14.20 12.90 -17.74
CA TRP A 131 13.24 13.69 -17.00
C TRP A 131 12.38 14.50 -17.97
N CYS A 132 11.56 15.40 -17.41
CA CYS A 132 10.69 16.28 -18.18
C CYS A 132 10.88 17.70 -17.67
N GLN A 133 11.49 18.55 -18.48
CA GLN A 133 11.83 19.92 -18.10
C GLN A 133 10.88 20.91 -18.77
N ALA A 134 11.15 22.20 -18.55
CA ALA A 134 10.34 23.24 -19.15
C ALA A 134 10.42 23.23 -20.66
N ASN A 135 11.62 22.97 -21.21
CA ASN A 135 11.78 22.88 -22.65
C ASN A 135 11.07 21.66 -23.23
N ASN A 136 10.60 20.74 -22.38
CA ASN A 136 9.78 19.59 -22.78
C ASN A 136 10.59 18.58 -23.58
N MET A 137 10.04 17.37 -23.71
CA MET A 137 10.60 16.23 -24.43
C MET A 137 11.83 15.65 -23.74
N TRP A 138 12.32 16.26 -22.67
CA TRP A 138 13.50 15.79 -21.95
C TRP A 138 13.67 16.64 -20.70
N GLY A 139 14.68 16.30 -19.91
CA GLY A 139 15.05 17.09 -18.76
C GLY A 139 16.47 17.62 -18.90
N PRO A 140 17.34 17.28 -17.96
CA PRO A 140 18.76 17.65 -18.11
C PRO A 140 19.41 17.05 -19.35
N THR A 141 18.96 15.86 -19.77
CA THR A 141 19.50 15.20 -20.94
C THR A 141 18.36 14.69 -21.80
N ARG A 142 18.65 14.47 -23.08
CA ARG A 142 17.66 14.00 -24.02
C ARG A 142 17.25 12.56 -23.69
N LEU A 143 16.19 12.10 -24.35
CA LEU A 143 15.72 10.73 -24.19
C LEU A 143 16.81 9.77 -24.63
N PRO A 144 17.35 8.97 -23.71
CA PRO A 144 18.48 8.09 -24.07
C PRO A 144 18.09 6.99 -25.02
N THR A 145 19.06 6.57 -25.83
CA THR A 145 18.87 5.50 -26.79
C THR A 145 19.24 4.17 -26.15
N CYS A 146 19.36 3.12 -26.96
CA CYS A 146 19.74 1.80 -26.47
C CYS A 146 20.37 1.01 -27.60
N VAL A 147 21.07 -0.05 -27.22
CA VAL A 147 21.74 -0.91 -28.18
C VAL A 147 20.72 -1.64 -29.05
N TYR B 56 -13.71 -16.57 -3.29
CA TYR B 56 -14.61 -15.90 -4.22
C TYR B 56 -13.88 -14.87 -5.07
N THR B 57 -14.34 -14.68 -6.30
CA THR B 57 -13.67 -13.79 -7.23
C THR B 57 -14.10 -12.35 -7.00
N ILE B 58 -13.15 -11.51 -6.59
CA ILE B 58 -13.35 -10.07 -6.50
C ILE B 58 -12.15 -9.41 -7.15
N GLN B 59 -12.27 -9.04 -8.42
CA GLN B 59 -11.18 -8.45 -9.16
C GLN B 59 -10.88 -7.04 -8.66
N SER B 60 -9.65 -6.59 -8.88
CA SER B 60 -9.24 -5.25 -8.53
C SER B 60 -8.14 -4.81 -9.49
N LEU B 61 -7.99 -3.48 -9.63
CA LEU B 61 -6.99 -2.89 -10.50
C LEU B 61 -6.12 -1.95 -9.68
N ILE B 62 -4.81 -2.03 -9.90
CA ILE B 62 -3.84 -1.25 -9.14
C ILE B 62 -2.79 -0.71 -10.10
N HIS B 63 -2.42 0.56 -9.92
CA HIS B 63 -1.39 1.20 -10.71
C HIS B 63 -0.33 1.80 -9.80
N LEU B 64 0.93 1.68 -10.20
CA LEU B 64 2.03 2.27 -9.44
C LEU B 64 1.95 3.79 -9.49
N THR B 65 2.26 4.43 -8.37
CA THR B 65 2.21 5.88 -8.26
C THR B 65 3.52 6.40 -7.68
N GLY B 66 3.84 7.64 -8.02
CA GLY B 66 5.05 8.26 -7.50
C GLY B 66 6.30 7.57 -8.02
N GLU B 67 7.20 7.25 -7.10
CA GLU B 67 8.46 6.59 -7.44
C GLU B 67 8.20 5.10 -7.64
N ASP B 68 9.27 4.31 -7.69
CA ASP B 68 9.18 2.87 -7.93
C ASP B 68 9.96 2.11 -6.85
N PRO B 69 9.47 2.12 -5.62
CA PRO B 69 10.07 1.25 -4.60
C PRO B 69 9.76 -0.21 -4.89
N GLY B 70 10.71 -1.08 -4.53
CA GLY B 70 10.49 -2.50 -4.73
C GLY B 70 9.38 -3.04 -3.84
N PHE B 71 9.37 -2.64 -2.57
CA PHE B 71 8.31 -3.07 -1.67
C PHE B 71 7.04 -2.28 -1.92
N PHE B 72 5.90 -2.90 -1.61
CA PHE B 72 4.61 -2.25 -1.72
C PHE B 72 3.59 -3.06 -0.93
N ASN B 73 2.45 -2.43 -0.68
CA ASN B 73 1.33 -3.09 -0.01
C ASN B 73 0.12 -3.11 -0.94
N VAL B 74 -0.42 -4.30 -1.17
CA VAL B 74 -1.61 -4.48 -1.99
C VAL B 74 -2.75 -4.88 -1.05
N GLU B 75 -3.58 -3.91 -0.70
CA GLU B 75 -4.68 -4.17 0.23
C GLU B 75 -5.74 -5.02 -0.44
N ILE B 76 -6.20 -6.06 0.26
CA ILE B 76 -7.23 -6.94 -0.26
C ILE B 76 -8.31 -7.15 0.81
N PRO B 77 -9.17 -6.17 1.06
CA PRO B 77 -10.25 -6.38 2.02
C PRO B 77 -11.49 -6.99 1.37
N GLU B 78 -11.32 -7.56 0.17
CA GLU B 78 -12.45 -7.95 -0.66
C GLU B 78 -12.88 -9.41 -0.46
N PHE B 79 -11.95 -10.31 -0.12
CA PHE B 79 -12.31 -11.72 0.02
C PHE B 79 -13.20 -11.93 1.24
N PRO B 80 -13.94 -13.05 1.28
CA PRO B 80 -14.82 -13.30 2.42
C PRO B 80 -14.04 -13.38 3.73
N PHE B 81 -14.64 -12.86 4.79
CA PHE B 81 -14.10 -12.94 6.13
C PHE B 81 -15.27 -12.99 7.10
N TYR B 82 -15.17 -13.87 8.10
CA TYR B 82 -16.30 -14.12 8.97
C TYR B 82 -15.99 -13.68 10.39
N PRO B 83 -16.94 -13.02 11.06
CA PRO B 83 -16.74 -12.60 12.45
C PRO B 83 -17.01 -13.74 13.43
N THR B 84 -16.06 -14.68 13.49
CA THR B 84 -16.23 -15.86 14.34
C THR B 84 -16.17 -15.51 15.81
N CYS B 85 -15.34 -14.54 16.19
CA CYS B 85 -15.12 -14.12 17.57
C CYS B 85 -14.51 -15.22 18.43
N ASN B 86 -14.03 -16.30 17.83
CA ASN B 86 -13.40 -17.39 18.56
C ASN B 86 -12.37 -18.09 17.69
N VAL B 87 -12.75 -19.25 17.14
CA VAL B 87 -11.88 -19.98 16.22
C VAL B 87 -12.05 -19.39 14.82
N CYS B 88 -10.95 -18.91 14.25
CA CYS B 88 -10.98 -18.18 12.98
C CYS B 88 -9.90 -18.71 12.04
N THR B 89 -9.85 -20.03 11.88
CA THR B 89 -8.87 -20.63 10.98
C THR B 89 -9.06 -20.10 9.56
N ALA B 90 -7.94 -19.88 8.86
CA ALA B 90 -7.98 -19.21 7.57
C ALA B 90 -6.79 -19.70 6.75
N ASP B 91 -7.06 -20.58 5.78
CA ASP B 91 -6.01 -21.08 4.91
C ASP B 91 -5.78 -20.10 3.76
N VAL B 92 -4.52 -19.72 3.54
CA VAL B 92 -4.16 -18.73 2.53
C VAL B 92 -3.27 -19.38 1.49
N ASN B 93 -3.66 -19.27 0.23
CA ASN B 93 -2.85 -19.70 -0.90
C ASN B 93 -2.75 -18.54 -1.88
N VAL B 94 -1.54 -18.19 -2.28
CA VAL B 94 -1.29 -17.01 -3.09
C VAL B 94 -0.50 -17.40 -4.33
N THR B 95 -0.85 -16.78 -5.46
CA THR B 95 -0.13 -16.92 -6.71
C THR B 95 0.32 -15.54 -7.17
N ILE B 96 1.62 -15.40 -7.43
CA ILE B 96 2.20 -14.13 -7.84
C ILE B 96 2.89 -14.33 -9.18
N ASN B 97 2.40 -13.64 -10.21
CA ASN B 97 2.98 -13.75 -11.53
C ASN B 97 4.16 -12.79 -11.68
N PHE B 98 5.03 -13.10 -12.64
CA PHE B 98 6.21 -12.30 -12.94
C PHE B 98 6.73 -12.75 -14.30
N ASP B 99 7.91 -12.27 -14.67
CA ASP B 99 8.52 -12.65 -15.93
C ASP B 99 10.03 -12.39 -15.91
N HIS B 105 6.73 -16.57 -19.19
CA HIS B 105 6.90 -17.33 -17.95
C HIS B 105 6.13 -16.68 -16.81
N GLN B 106 6.01 -17.41 -15.70
CA GLN B 106 5.30 -16.90 -14.53
C GLN B 106 5.78 -17.68 -13.31
N LEU B 107 6.49 -17.02 -12.41
CA LEU B 107 7.02 -17.65 -11.21
C LEU B 107 5.90 -17.77 -10.18
N ASP B 108 5.02 -18.73 -10.42
CA ASP B 108 3.92 -18.98 -9.51
C ASP B 108 4.44 -19.42 -8.14
N LEU B 109 3.82 -18.92 -7.10
CA LEU B 109 4.22 -19.23 -5.73
C LEU B 109 3.24 -20.20 -5.08
N ASP B 110 3.53 -20.59 -3.85
CA ASP B 110 2.69 -21.48 -3.07
C ASP B 110 2.62 -20.97 -1.62
N PHE B 111 2.40 -19.68 -1.47
CA PHE B 111 2.35 -19.07 -0.15
C PHE B 111 1.29 -19.75 0.72
N GLY B 112 1.66 -20.11 1.94
CA GLY B 112 0.75 -20.77 2.84
C GLY B 112 0.87 -20.27 4.26
N GLN B 113 -0.23 -19.81 4.84
CA GLN B 113 -0.20 -19.24 6.19
C GLN B 113 -1.60 -19.39 6.78
N LEU B 114 -1.71 -20.14 7.88
CA LEU B 114 -2.99 -20.43 8.53
C LEU B 114 -2.94 -19.83 9.93
N THR B 115 -3.35 -18.57 10.05
CA THR B 115 -3.31 -17.87 11.34
C THR B 115 -4.70 -17.32 11.65
N PRO B 116 -5.28 -17.67 12.79
CA PRO B 116 -6.49 -16.97 13.24
C PRO B 116 -6.16 -15.58 13.76
N HIS B 117 -7.13 -14.90 14.35
CA HIS B 117 -6.88 -13.57 14.90
C HIS B 117 -6.05 -13.68 16.18
N THR B 118 -4.86 -14.27 16.07
CA THR B 118 -3.93 -14.39 17.18
C THR B 118 -2.52 -14.00 16.74
N LYS B 119 -2.22 -14.19 15.46
CA LYS B 119 -0.89 -13.89 14.91
C LYS B 119 -1.11 -13.15 13.58
N ALA B 120 -0.90 -11.85 13.59
CA ALA B 120 -1.23 -10.99 12.46
C ALA B 120 -0.03 -10.71 11.55
N VAL B 121 1.15 -11.22 11.86
CA VAL B 121 2.34 -10.86 11.10
C VAL B 121 3.12 -12.10 10.69
N TYR B 122 2.47 -13.26 10.75
CA TYR B 122 3.12 -14.50 10.31
C TYR B 122 3.39 -14.45 8.81
N GLN B 123 4.49 -15.06 8.38
CA GLN B 123 4.84 -14.94 6.95
C GLN B 123 5.41 -16.25 6.41
N PRO B 124 4.86 -17.44 6.73
CA PRO B 124 5.35 -18.68 6.11
C PRO B 124 5.13 -18.63 4.61
N ARG B 125 6.21 -18.76 3.84
CA ARG B 125 6.18 -18.49 2.41
C ARG B 125 6.86 -19.61 1.63
N GLY B 126 6.48 -20.86 1.93
CA GLY B 126 6.98 -21.99 1.17
C GLY B 126 6.62 -21.87 -0.30
N ALA B 127 7.61 -21.57 -1.14
CA ALA B 127 7.39 -21.26 -2.54
C ALA B 127 7.56 -22.50 -3.41
N PHE B 128 7.13 -22.38 -4.67
CA PHE B 128 7.28 -23.46 -5.63
C PHE B 128 7.69 -22.98 -7.02
N GLY B 129 7.94 -21.69 -7.22
CA GLY B 129 8.36 -21.18 -8.50
C GLY B 129 9.85 -20.98 -8.62
N GLY B 130 10.55 -21.10 -7.49
CA GLY B 130 11.99 -20.95 -7.43
C GLY B 130 12.38 -20.03 -6.31
N SER B 131 13.62 -19.53 -6.38
CA SER B 131 14.15 -18.61 -5.37
C SER B 131 13.77 -17.18 -5.76
N GLU B 132 12.52 -16.83 -5.48
CA GLU B 132 12.04 -15.49 -5.74
C GLU B 132 12.69 -14.49 -4.78
N ASN B 133 12.65 -13.22 -5.16
CA ASN B 133 13.32 -12.19 -4.37
C ASN B 133 12.74 -12.11 -2.96
N ALA B 134 11.43 -11.96 -2.86
CA ALA B 134 10.75 -11.89 -1.57
C ALA B 134 9.25 -12.00 -1.82
N THR B 135 8.50 -12.19 -0.74
CA THR B 135 7.05 -12.27 -0.83
C THR B 135 6.44 -12.07 0.55
N ASN B 136 5.45 -11.18 0.63
CA ASN B 136 4.64 -10.97 1.83
C ASN B 136 5.51 -10.74 3.07
N LEU B 137 6.46 -9.82 2.94
CA LEU B 137 7.19 -9.35 4.11
C LEU B 137 6.18 -8.78 5.09
N PHE B 138 5.99 -9.44 6.23
CA PHE B 138 4.84 -9.20 7.09
C PHE B 138 5.24 -8.31 8.26
N LEU B 139 4.76 -7.07 8.24
CA LEU B 139 4.71 -6.22 9.42
C LEU B 139 3.29 -5.81 9.77
N LEU B 140 2.39 -5.75 8.79
CA LEU B 140 0.97 -5.52 9.01
C LEU B 140 0.15 -6.44 8.13
N GLU B 141 0.58 -7.70 8.02
CA GLU B 141 -0.03 -8.64 7.08
C GLU B 141 -1.50 -8.89 7.37
N LEU B 142 -1.95 -8.54 8.59
CA LEU B 142 -3.37 -8.78 8.96
C LEU B 142 -3.97 -7.49 9.53
N LEU B 143 -3.13 -6.52 9.90
CA LEU B 143 -3.64 -5.29 10.51
C LEU B 143 -4.69 -4.65 9.62
N GLY B 144 -5.76 -4.17 10.24
CA GLY B 144 -6.88 -3.60 9.51
C GLY B 144 -8.00 -4.61 9.30
N ALA B 145 -9.11 -4.10 8.78
CA ALA B 145 -10.30 -4.92 8.54
C ALA B 145 -10.13 -5.65 7.21
N GLY B 146 -9.61 -6.87 7.29
CA GLY B 146 -9.42 -7.69 6.11
C GLY B 146 -8.20 -7.35 5.28
N GLU B 147 -7.34 -6.45 5.75
CA GLU B 147 -6.18 -6.02 4.98
C GLU B 147 -5.08 -7.08 5.08
N LEU B 148 -4.74 -7.69 3.95
CA LEU B 148 -3.70 -8.71 3.85
C LEU B 148 -2.66 -8.22 2.84
N ALA B 149 -1.65 -7.51 3.34
CA ALA B 149 -0.62 -6.98 2.47
C ALA B 149 0.23 -8.11 1.89
N LEU B 150 0.77 -7.86 0.69
CA LEU B 150 1.69 -8.77 0.01
C LEU B 150 2.88 -7.94 -0.45
N THR B 151 3.91 -7.88 0.39
CA THR B 151 5.08 -7.05 0.16
C THR B 151 6.18 -7.88 -0.50
N MET B 152 7.03 -7.19 -1.27
CA MET B 152 8.10 -7.85 -2.02
C MET B 152 9.43 -7.19 -1.64
N ARG B 153 10.46 -7.50 -2.42
CA ARG B 153 11.82 -7.06 -2.15
C ARG B 153 12.06 -5.69 -2.78
N SER B 154 12.54 -4.75 -1.97
CA SER B 154 13.00 -3.46 -2.49
C SER B 154 14.49 -3.51 -2.76
N GLU B 172 2.54 -6.71 -8.80
CA GLU B 172 3.04 -7.29 -10.04
C GLU B 172 2.09 -8.38 -10.56
N SER B 173 0.88 -7.97 -10.93
CA SER B 173 -0.16 -8.89 -11.42
C SER B 173 -0.42 -10.01 -10.41
N VAL B 174 -0.49 -9.64 -9.13
CA VAL B 174 -0.72 -10.60 -8.06
C VAL B 174 -2.10 -11.24 -8.22
N ASP B 175 -2.17 -12.56 -8.02
CA ASP B 175 -3.42 -13.31 -8.08
C ASP B 175 -3.55 -14.15 -6.82
N VAL B 176 -4.09 -13.56 -5.75
CA VAL B 176 -4.38 -14.32 -4.54
C VAL B 176 -5.47 -15.35 -4.84
N TYR B 177 -5.49 -16.42 -4.04
CA TYR B 177 -6.39 -17.52 -4.31
C TYR B 177 -7.26 -17.98 -3.15
N PHE B 178 -6.96 -17.57 -1.91
CA PHE B 178 -7.70 -18.13 -0.80
C PHE B 178 -7.48 -17.29 0.46
N GLN B 179 -8.54 -17.13 1.24
CA GLN B 179 -8.44 -16.62 2.61
C GLN B 179 -8.94 -17.60 3.65
N ASP B 180 -10.17 -18.11 3.51
CA ASP B 180 -10.74 -19.06 4.44
C ASP B 180 -11.40 -20.19 3.66
N VAL B 181 -11.48 -21.36 4.28
CA VAL B 181 -12.05 -22.50 3.57
C VAL B 181 -13.55 -22.60 3.82
N PHE B 182 -13.95 -22.94 5.06
CA PHE B 182 -15.33 -22.92 5.53
C PHE B 182 -16.33 -23.35 4.46
N GLY B 183 -15.98 -24.37 3.69
CA GLY B 183 -16.74 -24.77 2.52
C GLY B 183 -15.80 -25.00 1.35
N THR B 184 -16.35 -24.88 0.14
CA THR B 184 -15.62 -25.16 -1.09
C THR B 184 -15.82 -24.02 -2.08
N MET B 185 -14.95 -23.02 -2.00
CA MET B 185 -14.93 -21.94 -3.00
C MET B 185 -13.59 -21.23 -2.86
N TRP B 186 -12.82 -21.20 -3.94
CA TRP B 186 -11.48 -20.62 -3.93
C TRP B 186 -11.36 -19.61 -5.06
N CYS B 187 -11.06 -18.36 -4.72
CA CYS B 187 -10.68 -17.33 -5.69
C CYS B 187 -10.36 -16.04 -4.94
N HIS B 188 -9.65 -15.16 -5.63
CA HIS B 188 -9.33 -13.80 -5.21
C HIS B 188 -8.56 -13.17 -6.36
N HIS B 189 -8.39 -11.85 -6.30
CA HIS B 189 -7.63 -11.16 -7.34
C HIS B 189 -7.33 -9.74 -6.91
N ALA B 190 -6.12 -9.28 -7.24
CA ALA B 190 -5.76 -7.87 -7.09
C ALA B 190 -4.65 -7.60 -8.10
N GLU B 191 -5.03 -7.04 -9.25
CA GLU B 191 -4.10 -6.86 -10.35
C GLU B 191 -3.32 -5.55 -10.18
N MET B 192 -2.00 -5.64 -10.24
CA MET B 192 -1.11 -4.49 -10.14
C MET B 192 -0.34 -4.35 -11.45
N GLN B 193 -0.27 -3.13 -11.97
CA GLN B 193 0.39 -2.85 -13.24
C GLN B 193 1.87 -2.51 -13.09
N ASN B 194 2.41 -2.62 -11.88
CA ASN B 194 3.83 -2.40 -11.60
C ASN B 194 4.65 -3.43 -12.37
N PRO B 195 5.98 -3.29 -12.46
CA PRO B 195 6.77 -4.28 -13.19
C PRO B 195 6.58 -5.69 -12.63
N VAL B 196 6.52 -6.66 -13.53
CA VAL B 196 6.29 -8.05 -13.13
C VAL B 196 7.42 -8.53 -12.24
N TYR B 197 8.67 -8.27 -12.64
CA TYR B 197 9.82 -8.55 -11.81
C TYR B 197 10.49 -7.22 -11.45
N LEU B 198 10.78 -7.06 -10.17
CA LEU B 198 11.29 -5.79 -9.65
C LEU B 198 12.79 -5.69 -9.89
N ILE B 199 13.42 -4.69 -9.27
CA ILE B 199 14.86 -4.53 -9.34
C ILE B 199 15.34 -4.34 -7.90
N PRO B 200 16.48 -4.91 -7.50
CA PRO B 200 17.01 -4.64 -6.16
C PRO B 200 17.27 -3.15 -5.95
N GLU B 201 16.95 -2.67 -4.76
CA GLU B 201 17.07 -1.27 -4.39
C GLU B 201 17.82 -1.12 -3.08
N THR B 202 18.98 -1.77 -2.98
CA THR B 202 19.76 -1.72 -1.75
C THR B 202 20.37 -0.34 -1.56
N VAL B 203 19.68 0.50 -0.81
CA VAL B 203 20.12 1.90 -0.63
C VAL B 203 21.35 1.92 0.28
N PRO B 204 22.44 2.56 -0.14
CA PRO B 204 23.58 2.73 0.76
C PRO B 204 23.20 3.61 1.94
N TYR B 205 23.87 3.38 3.07
CA TYR B 205 23.59 4.13 4.28
C TYR B 205 23.94 5.59 4.08
N ILE B 206 22.92 6.44 4.00
CA ILE B 206 23.09 7.88 3.84
C ILE B 206 22.43 8.57 5.03
N LYS B 207 23.11 9.58 5.58
CA LYS B 207 22.69 10.19 6.83
C LYS B 207 22.12 11.59 6.70
N TRP B 208 22.39 12.29 5.59
CA TRP B 208 21.97 13.68 5.40
C TRP B 208 22.51 14.58 6.52
N ASP B 209 23.84 14.72 6.51
CA ASP B 209 24.57 15.45 7.54
C ASP B 209 23.92 16.79 7.90
N ASN B 210 23.37 17.48 6.91
CA ASN B 210 22.68 18.74 7.17
C ASN B 210 21.18 18.51 7.39
N CYS B 211 20.86 17.62 8.32
CA CYS B 211 19.47 17.32 8.68
C CYS B 211 19.42 17.09 10.19
N ASN B 212 18.84 18.04 10.91
CA ASN B 212 18.72 17.93 12.37
C ASN B 212 17.84 16.74 12.73
N SER B 213 18.43 15.73 13.36
CA SER B 213 17.72 14.51 13.71
C SER B 213 16.97 14.72 15.01
N THR B 214 15.66 14.92 14.92
CA THR B 214 14.82 15.04 16.11
C THR B 214 14.60 13.70 16.81
N ASN B 215 15.01 12.59 16.18
CA ASN B 215 14.96 11.25 16.75
C ASN B 215 13.58 10.91 17.31
N ILE B 216 12.54 11.52 16.76
CA ILE B 216 11.18 11.20 17.19
C ILE B 216 10.82 9.80 16.72
N THR B 217 9.91 9.15 17.46
CA THR B 217 9.54 7.77 17.18
C THR B 217 8.47 7.74 16.10
N ALA B 218 8.86 7.36 14.89
CA ALA B 218 7.91 7.25 13.78
C ALA B 218 7.30 5.84 13.77
N VAL B 219 6.43 5.62 14.75
CA VAL B 219 5.80 4.31 14.92
C VAL B 219 4.86 4.05 13.75
N VAL B 220 5.10 2.94 13.04
CA VAL B 220 4.26 2.55 11.90
C VAL B 220 3.14 1.70 12.47
N ARG B 221 2.11 2.39 12.97
CA ARG B 221 0.92 1.68 13.46
C ARG B 221 0.23 0.99 12.30
N ALA B 222 -0.08 -0.30 12.49
CA ALA B 222 -0.59 -1.14 11.42
C ALA B 222 0.35 -1.05 10.21
N GLN B 223 -0.15 -0.56 9.09
CA GLN B 223 0.66 -0.39 7.89
C GLN B 223 0.92 1.06 7.53
N GLY B 224 -0.01 1.96 7.84
CA GLY B 224 0.16 3.36 7.47
C GLY B 224 1.02 4.10 8.48
N LEU B 225 1.99 4.85 7.99
CA LEU B 225 2.83 5.66 8.86
C LEU B 225 2.03 6.81 9.45
N ASP B 226 2.45 7.25 10.64
CA ASP B 226 1.77 8.34 11.33
C ASP B 226 2.80 9.09 12.16
N VAL B 227 3.07 10.34 11.81
CA VAL B 227 4.01 11.18 12.54
C VAL B 227 3.39 12.55 12.77
N THR B 228 3.93 13.24 13.76
CA THR B 228 3.57 14.63 14.05
C THR B 228 4.85 15.43 14.27
N LEU B 229 5.84 15.20 13.41
CA LEU B 229 7.13 15.87 13.56
C LEU B 229 7.00 17.35 13.24
N PRO B 230 7.76 18.20 13.93
CA PRO B 230 7.75 19.63 13.59
C PRO B 230 8.31 19.86 12.20
N LEU B 231 7.80 20.89 11.52
CA LEU B 231 8.21 21.17 10.15
C LEU B 231 9.60 21.80 10.13
N SER B 232 10.09 22.05 8.92
CA SER B 232 11.45 22.53 8.74
C SER B 232 11.68 23.89 9.40
N LEU B 233 11.02 24.93 8.91
CA LEU B 233 11.23 26.28 9.43
C LEU B 233 10.17 27.24 8.91
N PRO B 234 9.79 28.25 9.70
CA PRO B 234 8.84 29.28 9.25
C PRO B 234 9.51 30.43 8.52
N THR B 235 10.33 30.10 7.52
CA THR B 235 11.06 31.10 6.76
C THR B 235 10.19 31.63 5.64
N SER B 236 9.94 32.94 5.64
CA SER B 236 9.11 33.61 4.64
C SER B 236 7.74 32.95 4.54
N ALA B 237 7.01 32.98 5.67
CA ALA B 237 5.72 32.33 5.73
C ALA B 237 4.70 32.98 4.79
N GLN B 238 4.73 34.31 4.69
CA GLN B 238 3.77 35.02 3.84
C GLN B 238 4.04 34.71 2.38
N ASP B 239 3.01 34.21 1.69
CA ASP B 239 3.09 33.85 0.26
C ASP B 239 4.25 32.88 0.01
N SER B 240 4.16 31.71 0.63
CA SER B 240 5.19 30.69 0.56
C SER B 240 4.67 29.50 -0.24
N ASN B 241 5.38 29.14 -1.30
CA ASN B 241 5.05 27.95 -2.09
C ASN B 241 5.57 26.73 -1.34
N PHE B 242 4.81 26.33 -0.33
CA PHE B 242 5.26 25.26 0.57
C PHE B 242 5.30 23.92 -0.17
N SER B 243 6.41 23.21 -0.03
CA SER B 243 6.58 21.89 -0.60
C SER B 243 7.12 20.95 0.47
N VAL B 244 6.53 19.76 0.58
CA VAL B 244 6.81 18.87 1.70
C VAL B 244 7.30 17.55 1.12
N LYS B 245 8.09 17.61 0.05
CA LYS B 245 8.65 16.40 -0.54
C LYS B 245 9.57 15.70 0.46
N THR B 246 9.24 14.46 0.82
CA THR B 246 10.02 13.71 1.80
C THR B 246 10.44 12.34 1.27
N GLN B 247 11.04 11.53 2.13
CA GLN B 247 11.46 10.18 1.77
C GLN B 247 11.80 9.41 3.04
N MET B 248 11.54 8.11 3.02
CA MET B 248 11.89 7.22 4.11
C MET B 248 12.92 6.19 3.62
N LEU B 249 13.91 5.92 4.47
CA LEU B 249 15.00 5.03 4.12
C LEU B 249 15.15 3.96 5.19
N GLY B 250 15.80 2.86 4.81
CA GLY B 250 16.00 1.77 5.74
C GLY B 250 16.75 0.60 5.15
N ASN B 251 16.31 -0.61 5.47
CA ASN B 251 16.98 -1.82 5.00
C ASN B 251 16.69 -2.07 3.53
N GLU B 252 17.49 -1.46 2.65
CA GLU B 252 17.40 -1.66 1.21
C GLU B 252 16.05 -1.25 0.64
N ILE B 253 15.40 -0.28 1.27
CA ILE B 253 14.12 0.25 0.80
C ILE B 253 14.37 1.63 0.19
N ASP B 254 13.80 1.88 -0.99
CA ASP B 254 13.98 3.14 -1.71
C ASP B 254 12.58 3.66 -2.08
N ILE B 255 11.96 4.40 -1.16
CA ILE B 255 10.66 5.01 -1.38
C ILE B 255 10.74 6.47 -0.97
N GLU B 256 10.25 7.36 -1.82
CA GLU B 256 10.29 8.80 -1.58
C GLU B 256 8.92 9.40 -1.81
N CYS B 257 8.46 10.20 -0.85
CA CYS B 257 7.15 10.84 -0.97
C CYS B 257 7.27 12.18 -1.66
N ILE B 258 6.19 12.58 -2.33
CA ILE B 258 6.10 13.88 -2.99
C ILE B 258 4.74 14.48 -2.67
N MET B 259 4.63 15.80 -2.81
CA MET B 259 3.41 16.53 -2.52
C MET B 259 2.80 16.98 -3.84
N GLU B 260 1.56 16.55 -4.10
CA GLU B 260 0.87 16.83 -5.36
C GLU B 260 0.01 18.08 -5.27
N ASP B 261 -0.91 18.23 -6.21
CA ASP B 261 -1.90 19.32 -6.27
C ASP B 261 -1.23 20.70 -6.15
N GLY B 262 -0.30 20.96 -7.06
CA GLY B 262 0.24 22.30 -7.20
C GLY B 262 1.27 22.61 -6.14
N GLU B 263 1.04 23.69 -5.39
CA GLU B 263 1.95 24.12 -4.34
C GLU B 263 1.12 24.87 -3.30
N ILE B 264 0.89 24.23 -2.16
CA ILE B 264 0.07 24.83 -1.11
C ILE B 264 0.75 26.09 -0.58
N SER B 265 -0.04 27.15 -0.38
CA SER B 265 0.46 28.41 0.17
C SER B 265 -0.53 28.90 1.25
N GLN B 266 -0.34 28.39 2.47
CA GLN B 266 -0.99 28.89 3.68
C GLN B 266 -2.46 29.23 3.45
N VAL B 267 -3.27 28.22 3.17
CA VAL B 267 -4.72 28.40 3.08
C VAL B 267 -5.33 27.99 4.41
N LEU B 268 -6.14 28.87 4.99
CA LEU B 268 -6.74 28.73 6.31
C LEU B 268 -5.67 28.72 7.40
N PRO B 269 -6.04 28.94 8.66
CA PRO B 269 -5.04 28.88 9.73
C PRO B 269 -4.28 27.58 9.79
N GLY B 270 -4.93 26.46 9.53
CA GLY B 270 -4.26 25.18 9.59
C GLY B 270 -5.04 24.10 8.88
N ASP B 271 -4.61 22.86 9.10
CA ASP B 271 -5.23 21.68 8.48
C ASP B 271 -5.28 21.85 6.96
N ASN B 272 -4.13 22.17 6.37
CA ASN B 272 -4.08 22.47 4.95
C ASN B 272 -4.45 21.25 4.10
N LYS B 273 -4.28 20.04 4.65
CA LYS B 273 -4.75 18.82 3.98
C LYS B 273 -4.16 18.68 2.59
N PHE B 274 -2.85 18.91 2.46
CA PHE B 274 -2.21 18.75 1.17
C PHE B 274 -2.08 17.26 0.85
N ASN B 275 -2.55 16.87 -0.33
CA ASN B 275 -2.47 15.48 -0.74
C ASN B 275 -1.01 15.07 -0.95
N ILE B 276 -0.67 13.89 -0.46
CA ILE B 276 0.68 13.36 -0.58
C ILE B 276 0.63 12.10 -1.43
N THR B 277 1.43 12.08 -2.50
CA THR B 277 1.52 10.87 -3.32
C THR B 277 2.08 9.71 -2.52
N CYS B 278 3.09 9.97 -1.69
CA CYS B 278 3.74 9.00 -0.82
C CYS B 278 4.35 7.83 -1.57
N SER B 279 4.46 7.95 -2.90
CA SER B 279 4.94 6.87 -3.76
C SER B 279 4.18 5.58 -3.45
N GLY B 280 4.89 4.46 -3.42
CA GLY B 280 4.24 3.21 -3.06
C GLY B 280 3.17 2.82 -4.04
N TYR B 281 1.97 2.57 -3.53
CA TYR B 281 0.87 2.01 -4.30
C TYR B 281 -0.36 2.91 -4.18
N GLU B 282 -1.47 2.45 -4.76
CA GLU B 282 -2.65 3.30 -4.88
C GLU B 282 -3.16 3.80 -3.54
N SER B 283 -2.98 3.01 -2.48
CA SER B 283 -3.39 3.39 -1.13
C SER B 283 -4.90 3.70 -1.09
N HIS B 284 -5.68 2.63 -1.27
CA HIS B 284 -7.14 2.70 -1.26
C HIS B 284 -7.66 3.60 -0.16
N VAL B 285 -7.06 3.53 1.03
CA VAL B 285 -7.31 4.51 2.08
C VAL B 285 -6.45 5.73 1.77
N PRO B 286 -7.05 6.91 1.61
CA PRO B 286 -6.28 8.08 1.16
C PRO B 286 -5.15 8.43 2.13
N SER B 287 -4.02 8.84 1.56
CA SER B 287 -2.83 9.16 2.33
C SER B 287 -2.40 10.59 2.02
N GLY B 288 -2.20 11.39 3.06
CA GLY B 288 -1.75 12.75 2.88
C GLY B 288 -1.45 13.40 4.20
N GLY B 289 -0.61 14.44 4.15
CA GLY B 289 -0.25 15.16 5.35
C GLY B 289 -0.98 16.48 5.47
N ILE B 290 -0.97 17.07 6.67
CA ILE B 290 -1.61 18.35 6.93
C ILE B 290 -0.56 19.28 7.53
N LEU B 291 -0.53 20.52 7.04
CA LEU B 291 0.39 21.53 7.55
C LEU B 291 -0.34 22.35 8.60
N THR B 292 -0.25 21.90 9.85
CA THR B 292 -0.96 22.55 10.96
C THR B 292 -0.21 23.80 11.38
N SER B 293 -0.37 24.85 10.57
CA SER B 293 0.26 26.13 10.88
C SER B 293 -0.41 26.78 12.09
N THR B 294 0.41 27.41 12.93
CA THR B 294 -0.09 28.12 14.10
C THR B 294 0.67 29.43 14.23
N SER B 295 -0.06 30.54 14.28
CA SER B 295 0.51 31.88 14.38
C SER B 295 1.58 32.14 13.33
N TYR B 306 5.83 32.30 15.59
CA TYR B 306 5.15 31.56 14.53
C TYR B 306 5.77 30.19 14.33
N ALA B 307 5.29 29.20 15.09
CA ALA B 307 5.76 27.83 15.01
C ALA B 307 4.64 26.94 14.53
N TYR B 308 4.94 26.08 13.56
CA TYR B 308 3.96 25.18 12.97
C TYR B 308 4.37 23.73 13.23
N SER B 309 3.64 22.80 12.63
CA SER B 309 3.93 21.38 12.76
C SER B 309 3.69 20.70 11.41
N LEU B 310 3.73 19.37 11.40
CA LEU B 310 3.56 18.60 10.18
C LEU B 310 3.11 17.20 10.57
N ARG B 311 2.20 16.63 9.78
CA ARG B 311 1.52 15.39 10.14
C ARG B 311 1.47 14.42 8.96
N LEU B 312 2.64 14.17 8.36
CA LEU B 312 2.74 13.20 7.27
C LEU B 312 2.06 11.89 7.62
N THR B 313 1.28 11.36 6.68
CA THR B 313 0.60 10.07 6.83
C THR B 313 0.78 9.25 5.55
N PRO B 314 2.00 8.78 5.27
CA PRO B 314 2.21 7.93 4.09
C PRO B 314 1.87 6.48 4.43
N ARG B 315 0.93 5.91 3.68
CA ARG B 315 0.42 4.57 3.99
C ARG B 315 1.38 3.47 3.56
N PRO B 316 2.06 3.62 2.43
CA PRO B 316 2.90 2.52 1.94
C PRO B 316 4.15 2.32 2.78
N VAL B 317 4.01 1.71 3.96
CA VAL B 317 5.13 1.34 4.82
C VAL B 317 4.96 -0.12 5.20
N SER B 318 5.95 -0.95 4.86
CA SER B 318 5.84 -2.38 5.09
C SER B 318 7.08 -2.95 5.78
N ARG B 319 7.15 -4.28 5.84
CA ARG B 319 8.11 -4.95 6.72
C ARG B 319 9.55 -4.88 6.23
N PHE B 320 9.77 -4.60 4.95
CA PHE B 320 11.16 -4.62 4.47
C PHE B 320 11.98 -3.46 5.04
N LEU B 321 11.36 -2.57 5.81
CA LEU B 321 12.13 -1.59 6.57
C LEU B 321 12.99 -2.29 7.62
N GLY B 322 14.11 -1.69 7.96
CA GLY B 322 14.90 -2.17 9.06
C GLY B 322 14.21 -1.95 10.39
N ASN B 323 14.62 -2.73 11.40
CA ASN B 323 14.06 -2.56 12.73
C ASN B 323 14.41 -1.20 13.31
N ASN B 324 15.51 -0.60 12.87
CA ASN B 324 15.91 0.75 13.27
C ASN B 324 16.26 1.51 11.98
N SER B 325 15.26 2.12 11.36
CA SER B 325 15.43 2.85 10.12
C SER B 325 15.08 4.31 10.33
N ILE B 326 15.43 5.13 9.33
CA ILE B 326 15.34 6.58 9.43
C ILE B 326 14.62 7.13 8.20
N LEU B 327 13.67 8.02 8.43
CA LEU B 327 13.03 8.78 7.37
C LEU B 327 13.46 10.23 7.44
N TYR B 328 13.40 10.92 6.30
CA TYR B 328 13.82 12.31 6.22
C TYR B 328 12.72 13.13 5.56
N VAL B 329 12.45 14.31 6.12
CA VAL B 329 11.44 15.22 5.63
C VAL B 329 12.12 16.49 5.15
N PHE B 330 11.83 16.90 3.92
CA PHE B 330 12.42 18.10 3.31
C PHE B 330 11.29 19.09 3.04
N TYR B 331 11.17 20.13 3.87
CA TYR B 331 10.14 21.15 3.72
C TYR B 331 10.82 22.46 3.34
N SER B 332 10.56 22.93 2.13
CA SER B 332 11.10 24.18 1.65
C SER B 332 10.12 25.32 1.93
N GLY B 333 10.38 26.49 1.35
CA GLY B 333 9.50 27.63 1.57
C GLY B 333 9.88 28.78 0.68
N ASN B 334 9.32 29.94 1.01
CA ASN B 334 9.56 31.18 0.26
C ASN B 334 9.24 31.02 -1.23
N ASP B 342 15.54 25.03 1.73
CA ASP B 342 15.34 23.61 1.96
C ASP B 342 15.99 23.16 3.26
N TYR B 343 15.17 22.74 4.21
CA TYR B 343 15.64 22.28 5.51
C TYR B 343 15.06 20.90 5.79
N CYS B 344 15.88 20.01 6.35
CA CYS B 344 15.49 18.63 6.56
C CYS B 344 15.49 18.29 8.05
N ILE B 345 14.68 17.29 8.38
CA ILE B 345 14.56 16.78 9.75
C ILE B 345 14.53 15.26 9.69
N GLN B 346 15.28 14.62 10.59
CA GLN B 346 15.41 13.17 10.62
C GLN B 346 14.72 12.60 11.84
N SER B 347 14.05 11.47 11.66
CA SER B 347 13.38 10.78 12.75
C SER B 347 13.56 9.28 12.60
N ASN B 348 13.44 8.58 13.72
CA ASN B 348 13.62 7.13 13.76
C ASN B 348 12.29 6.43 13.54
N ILE B 349 12.27 5.46 12.64
CA ILE B 349 11.06 4.70 12.31
C ILE B 349 11.25 3.27 12.78
N VAL B 350 10.22 2.73 13.44
CA VAL B 350 10.23 1.36 13.94
C VAL B 350 8.83 0.79 13.72
N PHE B 351 8.70 -0.11 12.75
CA PHE B 351 7.42 -0.76 12.50
C PHE B 351 7.08 -1.72 13.63
N SER B 352 5.80 -1.81 13.97
CA SER B 352 5.32 -2.68 15.02
C SER B 352 4.58 -3.86 14.41
N ASP B 353 4.92 -5.06 14.86
CA ASP B 353 4.26 -6.29 14.43
C ASP B 353 3.27 -6.70 15.52
N GLU B 354 2.00 -6.36 15.32
CA GLU B 354 0.97 -6.59 16.32
C GLU B 354 -0.31 -7.02 15.62
N ILE B 355 -1.34 -7.30 16.43
CA ILE B 355 -2.64 -7.71 15.93
C ILE B 355 -3.57 -6.49 15.92
N PRO B 356 -4.46 -6.37 14.95
CA PRO B 356 -5.34 -5.20 14.89
C PRO B 356 -6.56 -5.38 15.79
N ALA B 357 -7.42 -4.37 15.78
CA ALA B 357 -8.67 -4.46 16.53
C ALA B 357 -9.57 -5.56 15.97
N SER B 358 -9.66 -5.67 14.65
CA SER B 358 -10.48 -6.68 14.02
C SER B 358 -10.06 -6.85 12.57
N GLN B 359 -10.22 -8.06 12.05
CA GLN B 359 -9.97 -8.37 10.64
C GLN B 359 -11.23 -8.75 9.89
N ASP B 360 -12.29 -9.13 10.59
CA ASP B 360 -13.51 -9.60 9.93
C ASP B 360 -14.11 -8.51 9.05
N MET B 361 -14.84 -8.95 8.03
CA MET B 361 -15.50 -8.01 7.14
C MET B 361 -16.56 -7.22 7.91
N PRO B 362 -16.81 -5.97 7.51
CA PRO B 362 -17.81 -5.17 8.22
C PRO B 362 -19.18 -5.84 8.18
N THR B 363 -19.89 -5.75 9.30
CA THR B 363 -21.17 -6.42 9.47
C THR B 363 -22.31 -5.46 9.19
N ASN B 364 -23.35 -5.96 8.52
CA ASN B 364 -24.54 -5.15 8.26
C ASN B 364 -25.36 -4.94 9.52
N THR B 365 -25.16 -5.78 10.54
CA THR B 365 -25.81 -5.64 11.84
C THR B 365 -27.34 -5.61 11.72
N THR B 366 -27.87 -6.43 10.81
CA THR B 366 -29.31 -6.57 10.69
C THR B 366 -29.85 -7.33 11.90
N ASP B 367 -31.15 -7.15 12.17
CA ASP B 367 -31.78 -7.80 13.31
C ASP B 367 -33.19 -8.24 12.92
N ILE B 368 -33.68 -9.26 13.62
CA ILE B 368 -35.04 -9.77 13.43
C ILE B 368 -35.63 -10.12 14.78
N THR B 369 -36.95 -10.08 14.86
CA THR B 369 -37.69 -10.42 16.06
C THR B 369 -38.64 -11.58 15.78
N TYR B 370 -38.71 -12.52 16.71
CA TYR B 370 -39.54 -13.70 16.54
C TYR B 370 -40.26 -14.01 17.84
N VAL B 371 -41.41 -14.67 17.71
CA VAL B 371 -42.18 -15.12 18.87
C VAL B 371 -42.25 -16.64 18.83
N GLY B 372 -42.21 -17.21 17.63
CA GLY B 372 -42.22 -18.65 17.45
C GLY B 372 -40.82 -19.17 17.24
N ASP B 373 -40.52 -20.31 17.88
CA ASP B 373 -39.17 -20.87 17.84
C ASP B 373 -38.74 -21.23 16.43
N ASN B 374 -39.68 -21.50 15.52
CA ASN B 374 -39.35 -21.78 14.12
C ASN B 374 -39.14 -20.46 13.36
N ALA B 375 -38.19 -19.67 13.87
CA ALA B 375 -37.94 -18.36 13.32
C ALA B 375 -37.25 -18.44 11.96
N THR B 376 -37.73 -17.65 11.01
CA THR B 376 -37.15 -17.56 9.68
C THR B 376 -36.79 -16.11 9.40
N TYR B 377 -35.62 -15.89 8.80
CA TYR B 377 -35.13 -14.56 8.50
C TYR B 377 -34.93 -14.41 7.00
N SER B 378 -35.45 -13.32 6.45
CA SER B 378 -35.31 -13.02 5.03
C SER B 378 -34.01 -12.28 4.80
N VAL B 379 -33.15 -12.84 3.95
CA VAL B 379 -31.86 -12.22 3.66
C VAL B 379 -32.08 -11.12 2.62
N PRO B 380 -31.75 -9.87 2.92
CA PRO B 380 -31.95 -8.79 1.95
C PRO B 380 -31.09 -9.00 0.71
N MET B 381 -31.61 -8.54 -0.42
CA MET B 381 -30.89 -8.65 -1.68
C MET B 381 -29.67 -7.73 -1.67
N VAL B 382 -28.51 -8.27 -2.04
CA VAL B 382 -27.30 -7.45 -2.09
C VAL B 382 -27.38 -6.49 -3.27
N THR B 383 -26.99 -5.23 -3.02
CA THR B 383 -27.16 -4.17 -4.00
C THR B 383 -26.26 -4.36 -5.22
N SER B 384 -25.01 -4.81 -5.00
CA SER B 384 -24.05 -4.88 -6.08
C SER B 384 -24.34 -5.97 -7.09
N GLU B 385 -25.29 -6.86 -6.81
CA GLU B 385 -25.64 -7.97 -7.69
C GLU B 385 -27.01 -7.73 -8.31
N ASP B 386 -27.13 -7.97 -9.61
CA ASP B 386 -28.40 -7.84 -10.30
C ASP B 386 -29.33 -8.99 -9.92
N ALA B 387 -30.54 -8.98 -10.47
CA ALA B 387 -31.54 -9.98 -10.11
C ALA B 387 -31.13 -11.39 -10.49
N ASN B 388 -30.15 -11.55 -11.37
CA ASN B 388 -29.66 -12.86 -11.78
C ASN B 388 -28.15 -12.93 -11.59
N SER B 389 -27.68 -14.08 -11.08
CA SER B 389 -26.26 -14.29 -10.86
C SER B 389 -26.01 -15.78 -10.84
N PRO B 390 -24.82 -16.25 -11.28
CA PRO B 390 -24.61 -17.70 -11.35
C PRO B 390 -24.29 -18.35 -10.02
N ASN B 391 -23.91 -17.59 -9.00
CA ASN B 391 -23.59 -18.19 -7.71
C ASN B 391 -23.90 -17.22 -6.59
N VAL B 392 -24.49 -17.74 -5.52
CA VAL B 392 -24.77 -16.97 -4.32
C VAL B 392 -24.91 -17.94 -3.15
N THR B 393 -24.22 -17.67 -2.05
CA THR B 393 -24.17 -18.58 -0.92
C THR B 393 -24.58 -17.87 0.35
N VAL B 394 -25.33 -18.56 1.20
CA VAL B 394 -25.75 -18.04 2.49
C VAL B 394 -25.20 -19.01 3.54
N THR B 395 -24.00 -18.72 4.05
CA THR B 395 -23.33 -19.58 5.02
C THR B 395 -23.80 -19.18 6.41
N ALA B 396 -24.63 -20.02 7.02
CA ALA B 396 -25.18 -19.76 8.34
C ALA B 396 -24.20 -20.26 9.40
N PHE B 397 -23.56 -19.34 10.10
CA PHE B 397 -22.61 -19.67 11.15
C PHE B 397 -23.17 -19.25 12.50
N TRP B 398 -22.92 -20.07 13.52
CA TRP B 398 -23.47 -19.81 14.84
C TRP B 398 -22.73 -18.65 15.51
N ALA B 399 -23.09 -18.36 16.75
CA ALA B 399 -22.51 -17.27 17.52
C ALA B 399 -21.53 -17.83 18.53
N TRP B 400 -20.33 -17.25 18.59
CA TRP B 400 -19.27 -17.66 19.48
C TRP B 400 -19.00 -19.16 19.40
N PRO B 401 -18.55 -19.67 18.25
CA PRO B 401 -18.27 -21.10 18.12
C PRO B 401 -16.96 -21.46 18.78
N ASN B 402 -17.03 -22.10 19.95
CA ASN B 402 -15.82 -22.48 20.67
C ASN B 402 -15.11 -23.65 19.99
N ASN B 403 -15.87 -24.52 19.32
CA ASN B 403 -15.32 -25.68 18.65
C ASN B 403 -15.07 -25.37 17.18
N THR B 404 -14.75 -26.40 16.41
CA THR B 404 -14.56 -26.27 14.98
C THR B 404 -15.93 -26.18 14.31
N GLU B 405 -15.97 -26.32 12.98
CA GLU B 405 -17.24 -26.24 12.28
C GLU B 405 -18.17 -27.37 12.72
N THR B 406 -19.46 -27.07 12.69
CA THR B 406 -20.50 -27.93 13.26
C THR B 406 -21.65 -27.92 12.26
N ASP B 407 -22.85 -28.29 12.71
CA ASP B 407 -24.00 -28.35 11.82
C ASP B 407 -24.35 -26.92 11.41
N PHE B 408 -23.60 -26.43 10.42
CA PHE B 408 -23.76 -25.08 9.90
C PHE B 408 -23.63 -25.17 8.38
N LYS B 409 -24.69 -24.82 7.66
CA LYS B 409 -24.76 -25.10 6.23
C LYS B 409 -24.24 -23.93 5.40
N CYS B 410 -23.35 -24.22 4.47
CA CYS B 410 -22.91 -23.28 3.46
C CYS B 410 -23.47 -23.62 2.08
N LYS B 411 -24.61 -24.30 2.05
CA LYS B 411 -25.26 -24.76 0.82
C LYS B 411 -26.14 -23.65 0.27
N TRP B 412 -27.07 -24.01 -0.61
CA TRP B 412 -28.02 -23.07 -1.22
C TRP B 412 -27.33 -22.13 -2.21
N THR B 413 -26.44 -22.68 -3.02
CA THR B 413 -25.79 -21.95 -4.09
C THR B 413 -26.49 -22.21 -5.42
N LEU B 414 -26.15 -21.41 -6.42
CA LEU B 414 -26.76 -21.51 -7.73
C LEU B 414 -25.86 -22.32 -8.66
N THR B 415 -26.19 -22.34 -9.95
CA THR B 415 -25.56 -23.21 -10.95
C THR B 415 -25.50 -24.66 -10.46
N SER B 416 -26.70 -25.23 -10.29
CA SER B 416 -26.87 -26.61 -9.84
C SER B 416 -26.22 -26.82 -8.47
N GLY B 417 -26.72 -26.09 -7.50
CA GLY B 417 -26.24 -26.17 -6.13
C GLY B 417 -27.14 -27.01 -5.25
N THR B 418 -26.54 -27.65 -4.27
CA THR B 418 -27.29 -28.52 -3.36
C THR B 418 -28.10 -27.67 -2.40
N PRO B 419 -29.43 -27.81 -2.37
CA PRO B 419 -30.25 -27.03 -1.44
C PRO B 419 -30.51 -27.72 -0.11
N SER B 420 -30.17 -29.00 0.02
CA SER B 420 -30.41 -29.75 1.26
C SER B 420 -29.27 -29.47 2.22
N GLY B 421 -29.46 -28.47 3.07
CA GLY B 421 -28.46 -28.13 4.07
C GLY B 421 -28.24 -29.23 5.07
N CYS B 422 -26.99 -29.70 5.19
CA CYS B 422 -26.66 -30.76 6.14
C CYS B 422 -26.71 -30.28 7.59
N GLU B 423 -26.84 -28.98 7.80
CA GLU B 423 -26.89 -28.43 9.15
C GLU B 423 -28.20 -28.83 9.85
N ASN B 424 -28.29 -28.49 11.14
CA ASN B 424 -29.53 -28.66 11.87
C ASN B 424 -30.60 -27.66 11.43
N ILE B 425 -30.25 -26.67 10.62
CA ILE B 425 -31.17 -25.65 10.19
C ILE B 425 -31.59 -25.93 8.74
N SER B 426 -32.62 -25.22 8.28
CA SER B 426 -33.10 -25.33 6.91
C SER B 426 -33.20 -23.94 6.31
N GLY B 427 -32.79 -23.82 5.05
CA GLY B 427 -32.78 -22.55 4.34
C GLY B 427 -33.76 -22.56 3.18
N ALA B 428 -34.38 -21.41 2.93
CA ALA B 428 -35.34 -21.24 1.85
C ALA B 428 -35.14 -19.87 1.22
N PHE B 429 -35.97 -19.57 0.23
CA PHE B 429 -35.90 -18.30 -0.47
C PHE B 429 -37.30 -17.94 -0.98
N ALA B 430 -37.37 -16.98 -1.89
CA ALA B 430 -38.65 -16.54 -2.44
C ALA B 430 -38.56 -16.38 -3.95
N SER B 431 -39.59 -15.79 -4.56
CA SER B 431 -39.57 -15.57 -6.00
C SER B 431 -38.41 -14.66 -6.39
N ASN B 432 -38.31 -13.49 -5.75
CA ASN B 432 -37.11 -12.68 -5.88
C ASN B 432 -35.97 -13.34 -5.13
N ARG B 433 -34.74 -13.05 -5.57
CA ARG B 433 -33.58 -13.72 -5.01
C ARG B 433 -33.29 -13.20 -3.61
N THR B 434 -34.19 -13.44 -2.67
CA THR B 434 -34.02 -13.09 -1.27
C THR B 434 -34.22 -14.35 -0.45
N PHE B 435 -33.13 -14.91 0.08
CA PHE B 435 -33.21 -16.15 0.82
C PHE B 435 -33.89 -15.94 2.16
N ASP B 436 -34.73 -16.89 2.55
CA ASP B 436 -35.40 -16.92 3.85
C ASP B 436 -34.80 -18.08 4.64
N ILE B 437 -33.96 -17.76 5.61
CA ILE B 437 -33.20 -18.75 6.35
C ILE B 437 -33.91 -19.04 7.68
N THR B 438 -34.20 -20.31 7.93
CA THR B 438 -34.81 -20.75 9.17
C THR B 438 -33.76 -21.41 10.05
N VAL B 439 -33.86 -21.17 11.35
CA VAL B 439 -32.88 -21.66 12.30
C VAL B 439 -33.38 -22.97 12.90
N SER B 440 -32.47 -23.70 13.56
CA SER B 440 -32.78 -24.99 14.16
C SER B 440 -33.53 -24.79 15.48
N GLY B 441 -34.75 -24.28 15.35
CA GLY B 441 -35.59 -24.03 16.50
C GLY B 441 -35.19 -22.84 17.35
N LEU B 442 -34.14 -22.11 16.96
CA LEU B 442 -33.65 -20.95 17.71
C LEU B 442 -33.42 -21.31 19.17
N GLY B 443 -34.10 -20.62 20.07
CA GLY B 443 -33.97 -20.89 21.48
C GLY B 443 -34.33 -19.65 22.29
N THR B 444 -34.33 -19.85 23.61
CA THR B 444 -34.60 -18.73 24.52
C THR B 444 -33.50 -17.67 24.44
N ALA B 445 -32.25 -18.11 24.27
CA ALA B 445 -31.15 -17.18 24.10
C ALA B 445 -31.09 -16.69 22.66
N PRO B 446 -30.57 -15.49 22.42
CA PRO B 446 -30.41 -15.00 21.05
C PRO B 446 -29.49 -15.91 20.24
N LYS B 447 -29.98 -16.35 19.08
CA LYS B 447 -29.17 -17.20 18.21
C LYS B 447 -27.94 -16.46 17.72
N THR B 448 -28.10 -15.18 17.34
CA THR B 448 -27.00 -14.35 16.85
C THR B 448 -26.26 -15.05 15.72
N LEU B 449 -27.03 -15.67 14.82
CA LEU B 449 -26.46 -16.37 13.68
C LEU B 449 -25.91 -15.36 12.68
N ILE B 450 -24.86 -15.77 11.97
CA ILE B 450 -24.17 -14.91 11.01
C ILE B 450 -24.27 -15.55 9.64
N ILE B 451 -24.79 -14.82 8.67
CA ILE B 451 -24.89 -15.25 7.29
C ILE B 451 -24.16 -14.24 6.41
N THR B 452 -23.26 -14.72 5.57
CA THR B 452 -22.49 -13.89 4.66
C THR B 452 -22.91 -14.23 3.23
N ARG B 453 -23.91 -13.52 2.72
CA ARG B 453 -24.39 -13.74 1.36
C ARG B 453 -23.46 -13.00 0.41
N THR B 454 -22.55 -13.74 -0.22
CA THR B 454 -21.58 -13.16 -1.13
C THR B 454 -21.95 -13.58 -2.55
N ALA B 455 -22.80 -12.79 -3.19
CA ALA B 455 -23.11 -13.04 -4.59
C ALA B 455 -21.92 -12.70 -5.48
N THR B 456 -21.90 -13.30 -6.66
CA THR B 456 -20.80 -13.07 -7.59
C THR B 456 -20.73 -11.61 -8.00
N ASN B 457 -19.50 -11.09 -8.06
CA ASN B 457 -19.24 -9.70 -8.45
C ASN B 457 -19.97 -8.71 -7.55
N ALA B 458 -20.20 -9.10 -6.29
CA ALA B 458 -20.95 -8.28 -5.35
C ALA B 458 -20.22 -8.27 -4.02
N THR B 459 -20.44 -7.20 -3.26
CA THR B 459 -19.80 -7.06 -1.96
C THR B 459 -20.35 -8.08 -0.97
N THR B 460 -19.47 -8.64 -0.15
CA THR B 460 -19.87 -9.58 0.88
C THR B 460 -20.65 -8.86 1.96
N THR B 461 -21.86 -9.32 2.24
CA THR B 461 -22.74 -8.71 3.24
C THR B 461 -22.95 -9.73 4.35
N THR B 462 -22.10 -9.69 5.36
CA THR B 462 -22.24 -10.59 6.50
C THR B 462 -23.42 -10.14 7.35
N HIS B 463 -24.61 -10.59 7.01
CA HIS B 463 -25.80 -10.18 7.75
C HIS B 463 -25.82 -10.85 9.12
N LYS B 464 -25.01 -10.35 10.04
CA LYS B 464 -25.04 -10.84 11.42
C LYS B 464 -26.35 -10.40 12.05
N VAL B 465 -27.26 -11.36 12.22
CA VAL B 465 -28.59 -11.10 12.77
C VAL B 465 -28.69 -11.73 14.15
N ILE B 466 -29.15 -10.96 15.12
CA ILE B 466 -29.32 -11.41 16.49
C ILE B 466 -30.82 -11.58 16.73
N PHE B 467 -31.27 -12.83 16.79
CA PHE B 467 -32.68 -13.12 17.01
C PHE B 467 -33.10 -12.65 18.40
N SER B 468 -34.28 -12.04 18.48
CA SER B 468 -34.83 -11.57 19.74
C SER B 468 -36.22 -12.14 19.92
N LYS B 469 -36.50 -12.69 21.10
CA LYS B 469 -37.81 -13.24 21.39
C LYS B 469 -38.77 -12.12 21.78
N ALA B 470 -39.97 -12.48 22.22
CA ALA B 470 -40.96 -11.49 22.61
C ALA B 470 -40.61 -10.88 23.96
C1 NAG C . -18.18 -8.63 -13.27
C2 NAG C . -16.77 -8.19 -13.65
C3 NAG C . -16.35 -8.88 -14.95
C4 NAG C . -16.44 -10.40 -14.76
C5 NAG C . -17.87 -10.77 -14.32
C6 NAG C . -17.94 -12.27 -14.07
C7 NAG C . -16.59 -5.91 -12.79
C8 NAG C . -16.58 -4.42 -13.00
N2 NAG C . -16.76 -6.73 -13.85
O3 NAG C . -15.01 -8.51 -15.29
O4 NAG C . -16.13 -11.05 -15.99
O5 NAG C . -18.19 -10.06 -13.12
O6 NAG C . -19.30 -12.63 -13.78
O7 NAG C . -16.45 -6.37 -11.69
C1 NAG D . -39.02 -9.40 -4.02
C2 NAG D . -38.74 -7.93 -3.69
C3 NAG D . -38.38 -7.82 -2.20
C4 NAG D . -39.52 -8.40 -1.37
C5 NAG D . -39.76 -9.85 -1.79
C6 NAG D . -40.95 -10.42 -1.00
C7 NAG D . -37.86 -6.98 -5.74
C8 NAG D . -36.71 -6.48 -6.58
N2 NAG D . -37.63 -7.44 -4.50
O3 NAG D . -38.18 -6.45 -1.86
O4 NAG D . -39.16 -8.37 0.02
O5 NAG D . -40.07 -9.88 -3.19
O6 NAG D . -41.11 -11.80 -1.32
O7 NAG D . -38.98 -6.96 -6.19
C1 NAG E . 20.40 22.84 12.51
C2 NAG E . 20.94 22.81 13.94
C3 NAG E . 19.88 23.39 14.88
C4 NAG E . 19.52 24.80 14.43
C5 NAG E . 19.03 24.75 12.97
C6 NAG E . 18.72 26.16 12.49
C7 NAG E . 22.44 20.90 14.00
C8 NAG E . 22.75 19.47 14.40
N2 NAG E . 21.25 21.43 14.32
O3 NAG E . 20.41 23.43 16.21
O4 NAG E . 18.47 25.32 15.26
O5 NAG E . 20.05 24.18 12.15
O6 NAG E . 18.16 26.11 11.18
O7 NAG E . 23.26 21.55 13.40
C1 NAG F . -7.13 16.77 -3.64
C2 NAG F . -7.60 15.63 -2.73
C3 NAG F . -8.57 16.19 -1.69
C4 NAG F . -7.86 17.31 -0.90
C5 NAG F . -7.38 18.38 -1.88
C6 NAG F . -6.62 19.46 -1.12
C7 NAG F . -7.58 13.64 -4.15
C8 NAG F . -8.28 12.60 -4.97
N2 NAG F . -8.29 14.61 -3.53
O3 NAG F . -8.96 15.16 -0.79
O4 NAG F . -8.78 17.89 0.03
O5 NAG F . -6.51 17.79 -2.85
O6 NAG F . -6.27 20.52 -2.02
O7 NAG F . -6.37 13.63 -4.04
C1 NAG G . -43.57 -23.63 12.21
C2 NAG G . -42.41 -24.29 12.95
C3 NAG G . -42.88 -24.76 14.33
C4 NAG G . -43.44 -23.54 15.09
C5 NAG G . -44.56 -22.90 14.27
C6 NAG G . -45.08 -21.66 15.00
C7 NAG G . -41.05 -25.29 11.20
C8 NAG G . -40.57 -26.49 10.41
N2 NAG G . -41.94 -25.46 12.19
O3 NAG G . -41.79 -25.31 15.06
O4 NAG G . -43.97 -23.97 16.36
O5 NAG G . -44.06 -22.53 12.99
O6 NAG G . -46.21 -21.13 14.29
O7 NAG G . -40.62 -24.19 10.93
C1 NAG H . 11.01 -4.48 13.95
C2 NAG H . 10.02 -4.94 15.03
C3 NAG H . 9.64 -6.40 14.76
C4 NAG H . 9.05 -6.52 13.35
C5 NAG H . 10.08 -5.99 12.34
C6 NAG H . 9.48 -6.05 10.93
C7 NAG H . 10.62 -3.66 17.01
C8 NAG H . 11.27 -3.55 18.36
N2 NAG H . 10.65 -4.84 16.34
O3 NAG H . 8.67 -6.82 15.72
O4 NAG H . 8.76 -7.89 13.07
O5 NAG H . 10.41 -4.64 12.66
O6 NAG H . 10.46 -5.66 9.97
O7 NAG H . 10.08 -2.70 16.52
#